data_1UM4
#
_entry.id   1UM4
#
_cell.length_a   46.962
_cell.length_b   63.470
_cell.length_c   137.549
_cell.angle_alpha   90.00
_cell.angle_beta   90.00
_cell.angle_gamma   90.00
#
_symmetry.space_group_name_H-M   'P 21 21 21'
#
loop_
_entity.id
_entity.type
_entity.pdbx_description
1 polymer 'Antibody 21H3 L chain'
2 polymer 'Antibody 21H3 H chain'
3 non-polymer '(1R)-1-PHENYLETHYL 4-(ACETYLAMINO)BENZYLPHOSPHONATE'
4 water water
#
loop_
_entity_poly.entity_id
_entity_poly.type
_entity_poly.pdbx_seq_one_letter_code
_entity_poly.pdbx_strand_id
1 'polypeptide(L)'
;LDIQMTQSPSSLSASLGERVSLTCRASQEISGYLYWLQQKPDGTIKRLIYAGSTLDSGVPKRFSGSRSGSDYSLTISSLE
SEDFADYYCLQYASYPRTFGGGTKVEIKRTVAAPSVFIFPPSDEQLKSGTASVVCLLNNFYPREAKVQWKVDNALQSGNS
QESVTEQDSKDSTYSLSSTLTLSKADYEKHKVYACEVTHQGLSSPVTKSFNRGECGAGA
;
L
2 'polypeptide(L)'
;VQLQQSGPVLVKPGGSVKMSCKASEYTLTSYLFQWVKQKSGQGLEWIGYIYPYNGGTRYNEKFRGKATLTSDKSSNTAYL
ELSSLTSEDSAVYYCARSSMSDPGANWGPGTLVTVSSASTKGPSVFPLAPSSKSTSGGTAALGCLVKDYFPEPVTVSWNS
GALTSGVHTFPAVLQSSGLYSLSSVVTVPSSSLGTQTYICNVNHKPSNTKVDKKVEP
;
H
#
loop_
_chem_comp.id
_chem_comp.type
_chem_comp.name
_chem_comp.formula
SH4 non-polymer '(1R)-1-PHENYLETHYL 4-(ACETYLAMINO)BENZYLPHOSPHONATE' 'C17 H19 N O4 P -1'
#
# COMPACT_ATOMS: atom_id res chain seq x y z
N LEU A 1 -23.52 6.66 24.72
CA LEU A 1 -23.74 5.57 23.73
C LEU A 1 -22.40 4.97 23.31
N ASP A 2 -22.05 5.10 22.04
CA ASP A 2 -20.79 4.56 21.55
C ASP A 2 -19.61 5.28 22.19
N ILE A 3 -18.55 4.53 22.48
CA ILE A 3 -17.36 5.11 23.08
C ILE A 3 -16.51 5.76 22.00
N GLN A 4 -16.24 7.04 22.16
CA GLN A 4 -15.42 7.77 21.19
C GLN A 4 -13.97 7.69 21.60
N MET A 5 -13.10 7.35 20.65
CA MET A 5 -11.68 7.26 20.92
C MET A 5 -10.98 8.40 20.21
N THR A 6 -10.46 9.35 20.99
CA THR A 6 -9.77 10.49 20.43
C THR A 6 -8.27 10.22 20.46
N GLN A 7 -7.71 10.01 19.28
CA GLN A 7 -6.29 9.71 19.18
C GLN A 7 -5.50 10.95 18.78
N SER A 8 -4.39 11.16 19.47
CA SER A 8 -3.54 12.31 19.21
C SER A 8 -2.06 11.95 19.37
N PRO A 9 -1.20 12.54 18.51
CA PRO A 9 -1.58 13.47 17.45
C PRO A 9 -2.04 12.67 16.23
N SER A 10 -2.57 13.37 15.22
CA SER A 10 -3.03 12.71 14.01
C SER A 10 -1.83 12.37 13.15
N SER A 11 -0.82 13.23 13.22
CA SER A 11 0.42 13.06 12.50
C SER A 11 1.55 13.36 13.47
N LEU A 12 2.56 12.51 13.48
CA LEU A 12 3.69 12.70 14.38
C LEU A 12 5.00 12.46 13.62
N SER A 13 5.72 13.54 13.33
CA SER A 13 7.01 13.42 12.65
C SER A 13 8.07 13.49 13.74
N ALA A 14 8.99 12.54 13.72
CA ALA A 14 10.01 12.50 14.75
C ALA A 14 11.35 12.03 14.22
N SER A 15 12.41 12.54 14.84
CA SER A 15 13.77 12.17 14.46
C SER A 15 14.02 10.72 14.87
N LEU A 16 14.93 10.06 14.17
CA LEU A 16 15.25 8.69 14.50
C LEU A 16 15.84 8.67 15.92
N GLY A 17 15.50 7.64 16.69
CA GLY A 17 16.01 7.55 18.05
C GLY A 17 15.23 8.34 19.08
N GLU A 18 14.25 9.11 18.64
CA GLU A 18 13.44 9.93 19.55
C GLU A 18 12.42 9.08 20.30
N ARG A 19 12.11 9.48 21.53
CA ARG A 19 11.09 8.77 22.29
C ARG A 19 9.80 9.44 21.84
N VAL A 20 8.83 8.63 21.44
CA VAL A 20 7.57 9.18 20.98
C VAL A 20 6.40 8.46 21.63
N SER A 21 5.33 9.20 21.90
CA SER A 21 4.18 8.60 22.52
C SER A 21 2.92 9.06 21.82
N LEU A 22 2.01 8.12 21.59
CA LEU A 22 0.73 8.40 20.96
C LEU A 22 -0.29 8.30 22.07
N THR A 23 -1.32 9.14 22.02
CA THR A 23 -2.31 9.12 23.08
C THR A 23 -3.73 8.89 22.57
N CYS A 24 -4.49 8.15 23.35
CA CYS A 24 -5.88 7.88 23.03
C CYS A 24 -6.70 8.08 24.29
N ARG A 25 -7.69 8.96 24.19
CA ARG A 25 -8.56 9.22 25.32
C ARG A 25 -9.94 8.67 24.98
N ALA A 26 -10.52 7.95 25.92
CA ALA A 26 -11.84 7.37 25.73
C ALA A 26 -12.89 8.31 26.31
N SER A 27 -14.01 8.46 25.60
CA SER A 27 -15.08 9.32 26.06
C SER A 27 -15.80 8.66 27.23
N GLN A 28 -15.40 7.43 27.54
CA GLN A 28 -16.01 6.66 28.62
C GLN A 28 -14.98 5.73 29.25
N GLU A 29 -15.33 5.17 30.40
CA GLU A 29 -14.44 4.26 31.11
C GLU A 29 -14.31 2.94 30.35
N ILE A 30 -13.09 2.60 29.94
CA ILE A 30 -12.88 1.34 29.23
C ILE A 30 -12.10 0.34 30.05
N SER A 31 -11.89 0.67 31.33
CA SER A 31 -11.20 -0.22 32.26
C SER A 31 -9.97 -0.93 31.72
N GLY A 32 -9.11 -0.20 31.01
CA GLY A 32 -7.90 -0.82 30.50
C GLY A 32 -8.06 -1.72 29.30
N TYR A 33 -9.28 -1.83 28.79
CA TYR A 33 -9.50 -2.69 27.62
C TYR A 33 -9.15 -1.88 26.38
N LEU A 34 -7.89 -1.49 26.27
CA LEU A 34 -7.43 -0.73 25.13
C LEU A 34 -6.42 -1.54 24.33
N TYR A 35 -6.59 -1.50 23.02
CA TYR A 35 -5.76 -2.26 22.09
C TYR A 35 -5.01 -1.32 21.15
N TRP A 36 -3.76 -1.62 20.85
CA TRP A 36 -2.97 -0.81 19.92
C TRP A 36 -2.53 -1.68 18.76
N LEU A 37 -2.67 -1.16 17.55
CA LEU A 37 -2.25 -1.90 16.37
C LEU A 37 -1.42 -1.02 15.46
N GLN A 38 -0.61 -1.66 14.64
CA GLN A 38 0.24 -0.96 13.70
C GLN A 38 -0.16 -1.41 12.31
N GLN A 39 -0.29 -0.46 11.39
CA GLN A 39 -0.61 -0.80 10.01
C GLN A 39 0.47 -0.24 9.11
N LYS A 40 1.19 -1.13 8.44
CA LYS A 40 2.25 -0.73 7.54
C LYS A 40 1.67 -0.26 6.22
N PRO A 41 2.47 0.44 5.40
CA PRO A 41 2.01 0.94 4.11
C PRO A 41 1.35 -0.11 3.22
N ASP A 42 1.87 -1.34 3.23
CA ASP A 42 1.28 -2.39 2.40
C ASP A 42 -0.09 -2.85 2.89
N GLY A 43 -0.54 -2.31 4.02
CA GLY A 43 -1.84 -2.66 4.54
C GLY A 43 -1.84 -3.69 5.66
N THR A 44 -0.67 -4.27 5.93
CA THR A 44 -0.55 -5.27 6.98
C THR A 44 -0.83 -4.70 8.37
N ILE A 45 -1.75 -5.33 9.08
CA ILE A 45 -2.10 -4.90 10.43
C ILE A 45 -1.60 -5.93 11.43
N LYS A 46 -0.96 -5.47 12.49
CA LYS A 46 -0.49 -6.40 13.52
C LYS A 46 -0.80 -5.83 14.88
N ARG A 47 -1.03 -6.72 15.83
CA ARG A 47 -1.33 -6.30 17.19
C ARG A 47 -0.04 -5.86 17.85
N LEU A 48 -0.10 -4.77 18.62
CA LEU A 48 1.05 -4.27 19.34
C LEU A 48 0.81 -4.46 20.83
N ILE A 49 -0.29 -3.89 21.31
CA ILE A 49 -0.67 -3.94 22.71
C ILE A 49 -2.14 -4.29 22.91
N TYR A 50 -2.43 -4.94 24.02
CA TYR A 50 -3.80 -5.27 24.38
C TYR A 50 -3.83 -5.18 25.90
N ALA A 51 -5.02 -5.09 26.48
CA ALA A 51 -5.13 -4.96 27.93
C ALA A 51 -4.40 -3.68 28.32
N GLY A 52 -4.29 -2.74 27.39
CA GLY A 52 -3.64 -1.47 27.64
C GLY A 52 -2.14 -1.42 27.80
N SER A 53 -1.55 -2.46 28.37
CA SER A 53 -0.10 -2.45 28.56
C SER A 53 0.56 -3.79 28.26
N THR A 54 -0.22 -4.77 27.82
CA THR A 54 0.36 -6.06 27.50
C THR A 54 0.89 -6.05 26.08
N LEU A 55 2.19 -6.27 25.95
CA LEU A 55 2.85 -6.27 24.65
C LEU A 55 2.72 -7.59 23.93
N ASP A 56 2.40 -7.52 22.64
CA ASP A 56 2.28 -8.71 21.82
C ASP A 56 3.67 -9.35 21.83
N SER A 57 3.73 -10.66 21.99
CA SER A 57 5.00 -11.38 22.04
C SER A 57 5.88 -11.20 20.80
N GLY A 58 5.27 -10.84 19.67
CA GLY A 58 6.05 -10.65 18.45
C GLY A 58 6.49 -9.23 18.19
N VAL A 59 6.20 -8.33 19.13
CA VAL A 59 6.56 -6.93 18.99
C VAL A 59 7.78 -6.55 19.81
N PRO A 60 8.69 -5.73 19.22
CA PRO A 60 9.91 -5.31 19.92
C PRO A 60 9.67 -4.57 21.23
N LYS A 61 10.60 -4.73 22.16
CA LYS A 61 10.52 -4.11 23.48
C LYS A 61 10.41 -2.59 23.48
N ARG A 62 10.87 -1.93 22.43
CA ARG A 62 10.80 -0.48 22.40
C ARG A 62 9.36 0.01 22.50
N PHE A 63 8.41 -0.88 22.22
CA PHE A 63 6.99 -0.53 22.29
C PHE A 63 6.45 -0.84 23.69
N SER A 64 5.69 0.09 24.24
CA SER A 64 5.08 -0.09 25.55
C SER A 64 3.75 0.64 25.57
N GLY A 65 2.84 0.17 26.42
CA GLY A 65 1.54 0.78 26.54
C GLY A 65 1.29 1.15 27.99
N SER A 66 0.69 2.31 28.22
CA SER A 66 0.42 2.73 29.58
C SER A 66 -0.92 3.42 29.71
N ARG A 67 -1.43 3.48 30.95
CA ARG A 67 -2.70 4.11 31.22
C ARG A 67 -2.55 5.17 32.30
N SER A 68 -3.15 6.33 32.05
CA SER A 68 -3.13 7.42 33.00
C SER A 68 -4.57 7.87 33.13
N GLY A 69 -5.33 7.17 33.96
CA GLY A 69 -6.73 7.51 34.14
C GLY A 69 -7.48 7.19 32.86
N SER A 70 -7.99 8.23 32.21
CA SER A 70 -8.73 8.04 30.96
C SER A 70 -7.80 8.15 29.76
N ASP A 71 -6.54 8.49 30.00
CA ASP A 71 -5.57 8.62 28.93
C ASP A 71 -4.74 7.35 28.76
N TYR A 72 -4.71 6.85 27.53
CA TYR A 72 -3.95 5.65 27.21
C TYR A 72 -2.87 6.01 26.22
N SER A 73 -1.65 5.52 26.45
CA SER A 73 -0.54 5.86 25.57
C SER A 73 0.25 4.69 25.02
N LEU A 74 0.74 4.88 23.80
CA LEU A 74 1.58 3.89 23.14
C LEU A 74 2.89 4.64 23.01
N THR A 75 3.94 4.07 23.58
CA THR A 75 5.24 4.73 23.54
C THR A 75 6.29 3.88 22.86
N ILE A 76 7.11 4.55 22.04
CA ILE A 76 8.22 3.89 21.36
C ILE A 76 9.43 4.55 22.03
N SER A 77 10.15 3.80 22.85
CA SER A 77 11.29 4.31 23.59
C SER A 77 12.33 5.02 22.73
N SER A 78 12.57 4.49 21.54
CA SER A 78 13.54 5.05 20.62
C SER A 78 13.08 4.69 19.21
N LEU A 79 12.68 5.69 18.47
CA LEU A 79 12.16 5.52 17.12
C LEU A 79 13.12 4.92 16.09
N GLU A 80 12.66 3.88 15.42
CA GLU A 80 13.45 3.22 14.39
C GLU A 80 12.76 3.48 13.06
N SER A 81 13.52 3.46 11.97
CA SER A 81 12.95 3.69 10.65
C SER A 81 11.79 2.76 10.33
N GLU A 82 11.88 1.51 10.76
CA GLU A 82 10.82 0.54 10.45
C GLU A 82 9.53 0.78 11.23
N ASP A 83 9.53 1.78 12.10
CA ASP A 83 8.34 2.10 12.87
C ASP A 83 7.45 3.04 12.09
N PHE A 84 7.89 3.41 10.89
CA PHE A 84 7.08 4.27 10.04
C PHE A 84 5.83 3.46 9.74
N ALA A 85 4.68 3.99 10.11
CA ALA A 85 3.41 3.31 9.91
C ALA A 85 2.29 4.14 10.49
N ASP A 86 1.08 3.61 10.37
CA ASP A 86 -0.10 4.25 10.92
C ASP A 86 -0.45 3.44 12.15
N TYR A 87 -0.68 4.11 13.28
CA TYR A 87 -1.02 3.42 14.50
C TYR A 87 -2.42 3.77 14.93
N TYR A 88 -3.13 2.77 15.44
CA TYR A 88 -4.51 2.97 15.88
C TYR A 88 -4.76 2.33 17.23
N CYS A 89 -5.56 2.98 18.07
CA CYS A 89 -5.91 2.34 19.33
C CYS A 89 -7.31 1.81 19.09
N LEU A 90 -7.72 0.84 19.90
CA LEU A 90 -9.02 0.22 19.74
C LEU A 90 -9.57 -0.16 21.10
N GLN A 91 -10.74 0.39 21.41
CA GLN A 91 -11.41 0.10 22.68
C GLN A 91 -12.23 -1.17 22.53
N TYR A 92 -12.14 -2.06 23.51
CA TYR A 92 -12.93 -3.29 23.47
C TYR A 92 -13.56 -3.61 24.81
N ALA A 93 -13.96 -2.55 25.50
CA ALA A 93 -14.62 -2.66 26.79
C ALA A 93 -16.11 -2.90 26.52
N SER A 94 -16.60 -2.30 25.43
CA SER A 94 -17.98 -2.46 25.05
C SER A 94 -18.19 -2.39 23.55
N TYR A 95 -19.39 -2.74 23.11
CA TYR A 95 -19.74 -2.70 21.70
C TYR A 95 -20.60 -1.48 21.44
N PRO A 96 -20.47 -0.88 20.24
CA PRO A 96 -19.57 -1.32 19.18
C PRO A 96 -18.09 -1.07 19.47
N ARG A 97 -17.22 -1.86 18.85
CA ARG A 97 -15.79 -1.66 19.02
C ARG A 97 -15.51 -0.38 18.25
N THR A 98 -14.70 0.51 18.82
CA THR A 98 -14.40 1.76 18.15
C THR A 98 -12.90 2.00 18.16
N PHE A 99 -12.41 2.59 17.06
CA PHE A 99 -10.99 2.89 16.91
C PHE A 99 -10.72 4.37 17.06
N GLY A 100 -9.46 4.70 17.34
CA GLY A 100 -9.06 6.09 17.41
C GLY A 100 -8.86 6.44 15.94
N GLY A 101 -8.77 7.74 15.63
CA GLY A 101 -8.60 8.15 14.26
C GLY A 101 -7.26 7.76 13.66
N GLY A 102 -6.37 7.29 14.52
CA GLY A 102 -5.05 6.87 14.05
C GLY A 102 -4.00 7.95 14.06
N THR A 103 -2.74 7.54 14.01
CA THR A 103 -1.62 8.46 13.99
C THR A 103 -0.67 8.02 12.89
N LYS A 104 -0.34 8.95 11.99
CA LYS A 104 0.60 8.67 10.92
C LYS A 104 1.95 9.03 11.54
N VAL A 105 2.82 8.04 11.72
CA VAL A 105 4.13 8.31 12.30
C VAL A 105 5.17 8.45 11.20
N GLU A 106 5.63 9.68 11.01
CA GLU A 106 6.62 9.98 9.97
C GLU A 106 8.01 10.11 10.59
N ILE A 107 9.02 9.75 9.80
CA ILE A 107 10.40 9.80 10.25
C ILE A 107 11.16 10.97 9.67
N LYS A 108 11.79 11.76 10.54
CA LYS A 108 12.59 12.88 10.09
C LYS A 108 13.98 12.30 9.89
N ARG A 109 14.64 12.68 8.81
CA ARG A 109 15.99 12.22 8.54
C ARG A 109 16.72 13.29 7.78
N THR A 110 17.99 13.03 7.46
CA THR A 110 18.78 14.02 6.75
C THR A 110 18.32 14.15 5.31
N VAL A 111 18.66 15.28 4.71
CA VAL A 111 18.30 15.51 3.32
C VAL A 111 19.06 14.52 2.46
N ALA A 112 18.40 14.04 1.42
CA ALA A 112 19.00 13.08 0.50
C ALA A 112 18.51 13.45 -0.89
N ALA A 113 19.45 13.71 -1.78
CA ALA A 113 19.13 14.06 -3.16
C ALA A 113 18.70 12.79 -3.86
N PRO A 114 17.76 12.89 -4.79
CA PRO A 114 17.31 11.70 -5.50
C PRO A 114 18.26 11.30 -6.61
N SER A 115 18.22 10.01 -6.96
CA SER A 115 18.99 9.54 -8.09
C SER A 115 17.89 9.65 -9.14
N VAL A 116 18.21 10.18 -10.31
CA VAL A 116 17.20 10.35 -11.34
C VAL A 116 17.47 9.44 -12.52
N PHE A 117 16.44 8.68 -12.91
CA PHE A 117 16.56 7.75 -14.02
C PHE A 117 15.42 7.97 -14.99
N ILE A 118 15.69 7.79 -16.27
CA ILE A 118 14.63 7.96 -17.25
C ILE A 118 14.54 6.70 -18.09
N PHE A 119 13.31 6.34 -18.45
CA PHE A 119 13.05 5.16 -19.25
C PHE A 119 12.23 5.49 -20.47
N PRO A 120 12.73 5.17 -21.66
CA PRO A 120 11.96 5.45 -22.87
C PRO A 120 10.86 4.38 -22.95
N PRO A 121 9.83 4.61 -23.78
CA PRO A 121 8.77 3.61 -23.89
C PRO A 121 9.37 2.34 -24.52
N SER A 122 8.80 1.19 -24.19
CA SER A 122 9.28 -0.08 -24.76
C SER A 122 8.74 -0.18 -26.19
N ASP A 123 9.43 -0.91 -27.05
CA ASP A 123 8.92 -1.07 -28.40
C ASP A 123 7.62 -1.83 -28.33
N GLU A 124 7.53 -2.74 -27.36
CA GLU A 124 6.33 -3.53 -27.18
C GLU A 124 5.12 -2.62 -26.98
N GLN A 125 5.25 -1.63 -26.10
CA GLN A 125 4.14 -0.72 -25.86
C GLN A 125 3.83 0.12 -27.09
N LEU A 126 4.88 0.56 -27.79
CA LEU A 126 4.69 1.39 -28.97
C LEU A 126 3.80 0.70 -29.99
N LYS A 127 3.99 -0.60 -30.17
CA LYS A 127 3.19 -1.35 -31.12
C LYS A 127 1.71 -1.26 -30.72
N SER A 128 1.46 -0.86 -29.48
CA SER A 128 0.09 -0.74 -28.97
C SER A 128 -0.58 0.56 -29.39
N GLY A 129 0.21 1.62 -29.55
CA GLY A 129 -0.36 2.90 -29.96
C GLY A 129 -0.14 4.01 -28.96
N THR A 130 0.36 3.67 -27.78
CA THR A 130 0.62 4.65 -26.73
C THR A 130 2.05 4.55 -26.27
N ALA A 131 2.60 5.67 -25.81
CA ALA A 131 3.97 5.70 -25.33
C ALA A 131 4.02 6.27 -23.92
N SER A 132 4.63 5.51 -23.02
CA SER A 132 4.78 5.95 -21.63
C SER A 132 6.26 6.20 -21.39
N VAL A 133 6.60 7.41 -20.97
CA VAL A 133 7.98 7.77 -20.69
C VAL A 133 8.05 7.89 -19.18
N VAL A 134 8.88 7.09 -18.55
CA VAL A 134 8.96 7.11 -17.10
C VAL A 134 10.21 7.75 -16.53
N CYS A 135 10.01 8.68 -15.60
CA CYS A 135 11.12 9.34 -14.93
C CYS A 135 11.05 8.89 -13.48
N LEU A 136 12.17 8.40 -12.96
CA LEU A 136 12.23 7.92 -11.60
C LEU A 136 13.15 8.75 -10.71
N LEU A 137 12.62 9.19 -9.58
CA LEU A 137 13.38 9.94 -8.58
C LEU A 137 13.47 8.91 -7.46
N ASN A 138 14.68 8.42 -7.20
CA ASN A 138 14.83 7.38 -6.21
C ASN A 138 15.53 7.73 -4.92
N ASN A 139 14.93 7.29 -3.82
CA ASN A 139 15.45 7.47 -2.47
C ASN A 139 15.87 8.88 -2.07
N PHE A 140 14.91 9.79 -2.04
CA PHE A 140 15.20 11.15 -1.66
C PHE A 140 14.45 11.55 -0.41
N TYR A 141 14.87 12.66 0.18
CA TYR A 141 14.25 13.20 1.37
C TYR A 141 14.66 14.67 1.46
N PRO A 142 13.71 15.57 1.79
CA PRO A 142 12.31 15.30 2.11
C PRO A 142 11.47 14.97 0.87
N ARG A 143 10.18 14.77 1.08
CA ARG A 143 9.27 14.40 0.00
C ARG A 143 9.08 15.46 -1.08
N GLU A 144 9.13 16.73 -0.68
CA GLU A 144 8.97 17.82 -1.63
C GLU A 144 9.91 17.70 -2.82
N ALA A 145 9.33 17.60 -4.00
CA ALA A 145 10.12 17.49 -5.22
C ALA A 145 9.33 18.00 -6.42
N LYS A 146 10.03 18.60 -7.37
CA LYS A 146 9.37 19.10 -8.56
C LYS A 146 9.94 18.39 -9.79
N VAL A 147 9.04 17.87 -10.60
CA VAL A 147 9.43 17.16 -11.81
C VAL A 147 8.72 17.77 -13.01
N GLN A 148 9.51 18.21 -13.98
CA GLN A 148 8.97 18.80 -15.19
C GLN A 148 9.42 18.02 -16.41
N TRP A 149 8.58 17.98 -17.41
CA TRP A 149 8.92 17.29 -18.64
C TRP A 149 9.09 18.26 -19.78
N LYS A 150 10.10 18.00 -20.60
CA LYS A 150 10.36 18.81 -21.78
C LYS A 150 10.56 17.85 -22.94
N VAL A 151 9.90 18.15 -24.05
CA VAL A 151 10.00 17.34 -25.24
C VAL A 151 10.53 18.33 -26.27
N ASP A 152 11.74 18.06 -26.77
CA ASP A 152 12.38 18.97 -27.71
C ASP A 152 12.36 20.39 -27.14
N ASN A 153 12.75 20.48 -25.87
CA ASN A 153 12.85 21.73 -25.13
C ASN A 153 11.54 22.44 -24.78
N ALA A 154 10.41 21.85 -25.14
CA ALA A 154 9.12 22.46 -24.83
C ALA A 154 8.55 21.88 -23.54
N LEU A 155 8.26 22.74 -22.57
CA LEU A 155 7.73 22.29 -21.29
C LEU A 155 6.36 21.65 -21.48
N GLN A 156 6.18 20.45 -20.93
CA GLN A 156 4.92 19.72 -21.05
C GLN A 156 3.97 20.06 -19.93
N SER A 157 2.68 19.89 -20.20
CA SER A 157 1.66 20.17 -19.20
C SER A 157 0.42 19.32 -19.41
N GLY A 158 -0.09 18.73 -18.34
CA GLY A 158 -1.30 17.93 -18.41
C GLY A 158 -1.18 16.51 -18.92
N ASN A 159 0.00 16.10 -19.39
CA ASN A 159 0.16 14.75 -19.90
C ASN A 159 1.08 13.87 -19.06
N SER A 160 1.19 14.20 -17.78
CA SER A 160 2.01 13.40 -16.89
C SER A 160 1.33 13.20 -15.54
N GLN A 161 1.61 12.08 -14.91
CA GLN A 161 1.05 11.78 -13.60
C GLN A 161 2.18 11.23 -12.77
N GLU A 162 2.14 11.52 -11.47
CA GLU A 162 3.19 10.98 -10.63
C GLU A 162 2.63 10.19 -9.47
N SER A 163 3.46 9.29 -8.97
CA SER A 163 3.07 8.46 -7.84
C SER A 163 4.28 8.50 -6.92
N VAL A 164 4.02 8.49 -5.62
CA VAL A 164 5.10 8.54 -4.64
C VAL A 164 4.88 7.43 -3.63
N THR A 165 5.98 6.83 -3.21
CA THR A 165 5.90 5.74 -2.23
C THR A 165 5.86 6.38 -0.85
N GLU A 166 5.55 5.57 0.15
CA GLU A 166 5.53 6.07 1.53
C GLU A 166 6.98 5.95 1.96
N GLN A 167 7.35 6.57 3.08
CA GLN A 167 8.73 6.48 3.52
C GLN A 167 9.22 5.04 3.58
N ASP A 168 10.45 4.84 3.10
CA ASP A 168 11.05 3.52 3.09
C ASP A 168 11.24 3.03 4.53
N SER A 169 10.95 1.76 4.77
CA SER A 169 11.08 1.18 6.10
C SER A 169 12.53 1.07 6.56
N LYS A 170 13.45 1.08 5.60
CA LYS A 170 14.87 0.96 5.93
C LYS A 170 15.67 2.26 5.95
N ASP A 171 15.43 3.17 5.00
CA ASP A 171 16.18 4.42 4.99
C ASP A 171 15.32 5.67 5.09
N SER A 172 14.02 5.48 5.32
CA SER A 172 13.08 6.58 5.49
C SER A 172 12.98 7.56 4.32
N THR A 173 13.40 7.14 3.14
CA THR A 173 13.33 8.02 1.97
C THR A 173 12.07 7.75 1.17
N TYR A 174 11.84 8.61 0.17
CA TYR A 174 10.72 8.46 -0.73
C TYR A 174 11.27 8.20 -2.12
N SER A 175 10.41 7.70 -2.98
CA SER A 175 10.75 7.47 -4.38
C SER A 175 9.53 7.96 -5.11
N LEU A 176 9.73 8.51 -6.30
CA LEU A 176 8.63 9.04 -7.04
C LEU A 176 8.80 8.74 -8.51
N SER A 177 7.70 8.43 -9.17
CA SER A 177 7.72 8.15 -10.58
C SER A 177 6.88 9.24 -11.24
N SER A 178 7.34 9.70 -12.39
CA SER A 178 6.58 10.67 -13.15
C SER A 178 6.45 10.00 -14.49
N THR A 179 5.22 9.78 -14.92
CA THR A 179 4.97 9.12 -16.18
C THR A 179 4.35 10.07 -17.19
N LEU A 180 5.03 10.22 -18.31
CA LEU A 180 4.59 11.06 -19.40
C LEU A 180 3.91 10.14 -20.41
N THR A 181 2.64 10.39 -20.70
CA THR A 181 1.94 9.54 -21.64
C THR A 181 1.62 10.33 -22.91
N LEU A 182 2.04 9.76 -24.03
CA LEU A 182 1.82 10.37 -25.34
C LEU A 182 1.33 9.29 -26.29
N SER A 183 0.74 9.70 -27.41
CA SER A 183 0.28 8.73 -28.39
C SER A 183 1.57 8.29 -29.08
N LYS A 184 1.54 7.15 -29.76
CA LYS A 184 2.74 6.70 -30.46
C LYS A 184 3.15 7.74 -31.49
N ALA A 185 2.18 8.25 -32.24
CA ALA A 185 2.44 9.25 -33.26
C ALA A 185 3.22 10.42 -32.68
N ASP A 186 2.71 10.99 -31.59
CA ASP A 186 3.35 12.12 -30.94
C ASP A 186 4.75 11.76 -30.46
N TYR A 187 4.90 10.58 -29.89
CA TYR A 187 6.21 10.14 -29.41
C TYR A 187 7.21 10.07 -30.56
N GLU A 188 6.76 9.55 -31.70
CA GLU A 188 7.62 9.40 -32.86
C GLU A 188 7.96 10.70 -33.56
N LYS A 189 7.12 11.72 -33.42
CA LYS A 189 7.37 12.99 -34.08
C LYS A 189 8.34 13.89 -33.32
N HIS A 190 8.67 13.51 -32.09
CA HIS A 190 9.61 14.31 -31.31
C HIS A 190 10.87 13.52 -31.03
N LYS A 191 11.89 14.19 -30.54
CA LYS A 191 13.17 13.52 -30.33
C LYS A 191 13.75 13.50 -28.92
N VAL A 192 13.92 14.69 -28.34
CA VAL A 192 14.52 14.77 -27.02
C VAL A 192 13.50 14.79 -25.90
N TYR A 193 13.60 13.80 -25.02
CA TYR A 193 12.70 13.69 -23.89
C TYR A 193 13.51 13.95 -22.64
N ALA A 194 13.13 14.99 -21.91
CA ALA A 194 13.87 15.37 -20.73
C ALA A 194 13.00 15.48 -19.49
N CYS A 195 13.56 14.98 -18.39
CA CYS A 195 12.89 15.02 -17.10
C CYS A 195 13.72 15.97 -16.26
N GLU A 196 13.12 17.08 -15.85
CA GLU A 196 13.84 18.05 -15.04
C GLU A 196 13.39 17.92 -13.59
N VAL A 197 14.34 17.61 -12.72
CA VAL A 197 14.06 17.43 -11.32
C VAL A 197 14.65 18.47 -10.40
N THR A 198 13.80 19.01 -9.54
CA THR A 198 14.21 20.01 -8.58
C THR A 198 13.93 19.43 -7.20
N HIS A 199 14.94 19.47 -6.34
CA HIS A 199 14.81 18.95 -4.99
C HIS A 199 15.81 19.62 -4.06
N GLN A 200 15.39 19.81 -2.80
CA GLN A 200 16.21 20.45 -1.79
C GLN A 200 17.63 19.89 -1.71
N GLY A 201 17.78 18.61 -2.06
CA GLY A 201 19.08 17.97 -2.02
C GLY A 201 19.96 18.32 -3.21
N LEU A 202 19.35 18.95 -4.21
CA LEU A 202 20.06 19.35 -5.43
C LEU A 202 20.22 20.87 -5.43
N SER A 203 21.45 21.35 -5.65
CA SER A 203 21.71 22.78 -5.68
C SER A 203 21.08 23.40 -6.92
N SER A 204 21.11 22.65 -8.01
CA SER A 204 20.52 23.08 -9.27
C SER A 204 19.75 21.91 -9.86
N PRO A 205 18.67 22.19 -10.61
CA PRO A 205 17.86 21.13 -11.22
C PRO A 205 18.66 20.07 -11.95
N VAL A 206 18.23 18.82 -11.83
CA VAL A 206 18.90 17.71 -12.50
C VAL A 206 18.04 17.31 -13.68
N THR A 207 18.63 17.35 -14.88
CA THR A 207 17.91 16.97 -16.08
C THR A 207 18.44 15.67 -16.66
N LYS A 208 17.56 14.69 -16.78
CA LYS A 208 17.92 13.40 -17.36
C LYS A 208 17.11 13.36 -18.65
N SER A 209 17.76 13.00 -19.74
CA SER A 209 17.06 12.96 -21.01
C SER A 209 17.62 11.90 -21.93
N PHE A 210 16.86 11.62 -22.98
CA PHE A 210 17.29 10.65 -23.96
C PHE A 210 16.79 11.11 -25.32
N ASN A 211 17.45 10.63 -26.36
CA ASN A 211 17.08 10.95 -27.73
C ASN A 211 16.40 9.72 -28.28
N ARG A 212 15.12 9.85 -28.64
CA ARG A 212 14.38 8.72 -29.18
C ARG A 212 15.18 8.09 -30.32
N GLY A 213 15.84 8.93 -31.10
CA GLY A 213 16.64 8.45 -32.21
C GLY A 213 17.69 7.45 -31.76
N GLU A 214 18.38 7.77 -30.68
CA GLU A 214 19.41 6.91 -30.15
C GLU A 214 18.72 5.76 -29.42
N CYS A 215 17.42 5.66 -29.65
CA CYS A 215 16.61 4.62 -29.03
C CYS A 215 16.23 5.03 -27.62
N GLY A 216 17.20 4.92 -26.73
CA GLY A 216 17.01 5.26 -25.34
C GLY A 216 18.29 4.84 -24.66
N ALA A 217 19.30 4.61 -25.50
CA ALA A 217 20.62 4.18 -25.05
C ALA A 217 21.68 4.98 -25.80
N GLY A 218 22.72 4.30 -26.28
CA GLY A 218 23.77 4.99 -26.99
C GLY A 218 24.02 4.61 -28.44
N ALA A 219 22.96 4.40 -29.21
CA ALA A 219 23.11 4.04 -30.61
C ALA A 219 23.37 5.30 -31.43
N VAL B 1 2.13 -14.29 11.61
CA VAL B 1 1.05 -15.29 11.39
C VAL B 1 -0.27 -14.59 11.13
N GLN B 2 -0.82 -14.78 9.94
CA GLN B 2 -2.10 -14.17 9.57
C GLN B 2 -3.14 -15.19 9.17
N LEU B 3 -4.36 -14.70 8.96
CA LEU B 3 -5.50 -15.52 8.56
C LEU B 3 -5.59 -15.47 7.04
N GLN B 4 -6.44 -16.32 6.47
CA GLN B 4 -6.61 -16.35 5.03
C GLN B 4 -7.91 -15.67 4.64
N GLN B 5 -7.83 -14.76 3.67
CA GLN B 5 -9.03 -14.07 3.21
C GLN B 5 -9.19 -14.20 1.72
N SER B 6 -10.43 -14.25 1.26
CA SER B 6 -10.70 -14.38 -0.16
C SER B 6 -10.10 -13.23 -0.95
N GLY B 7 -9.91 -13.47 -2.25
CA GLY B 7 -9.29 -12.48 -3.12
C GLY B 7 -10.09 -11.22 -3.43
N PRO B 8 -9.45 -10.24 -4.08
CA PRO B 8 -10.10 -8.98 -4.44
C PRO B 8 -11.26 -9.28 -5.37
N VAL B 9 -12.32 -8.50 -5.25
CA VAL B 9 -13.48 -8.72 -6.08
C VAL B 9 -14.07 -7.44 -6.63
N LEU B 10 -14.57 -7.53 -7.85
CA LEU B 10 -15.23 -6.41 -8.52
C LEU B 10 -16.71 -6.80 -8.52
N VAL B 11 -17.54 -5.92 -7.97
CA VAL B 11 -18.96 -6.19 -7.92
C VAL B 11 -19.68 -4.92 -8.35
N LYS B 12 -20.84 -5.07 -8.95
CA LYS B 12 -21.58 -3.92 -9.43
C LYS B 12 -22.43 -3.28 -8.35
N PRO B 13 -22.63 -1.97 -8.43
CA PRO B 13 -23.45 -1.29 -7.42
C PRO B 13 -24.82 -1.97 -7.41
N GLY B 14 -25.44 -2.04 -6.24
CA GLY B 14 -26.74 -2.68 -6.13
C GLY B 14 -26.66 -4.18 -5.97
N GLY B 15 -25.46 -4.71 -6.15
CA GLY B 15 -25.29 -6.15 -6.02
C GLY B 15 -24.86 -6.49 -4.61
N SER B 16 -24.29 -7.68 -4.45
CA SER B 16 -23.83 -8.09 -3.13
C SER B 16 -22.50 -8.78 -3.31
N VAL B 17 -21.77 -8.92 -2.21
CA VAL B 17 -20.49 -9.58 -2.24
C VAL B 17 -20.33 -10.37 -0.95
N LYS B 18 -19.72 -11.54 -1.03
CA LYS B 18 -19.49 -12.35 0.15
C LYS B 18 -18.03 -12.75 0.13
N MET B 19 -17.32 -12.41 1.20
CA MET B 19 -15.90 -12.72 1.31
C MET B 19 -15.70 -13.68 2.46
N SER B 20 -14.57 -14.37 2.46
CA SER B 20 -14.29 -15.35 3.49
C SER B 20 -13.04 -15.04 4.29
N CYS B 21 -12.94 -15.71 5.43
CA CYS B 21 -11.83 -15.58 6.33
C CYS B 21 -11.76 -16.89 7.09
N LYS B 22 -10.58 -17.45 7.20
CA LYS B 22 -10.43 -18.70 7.93
C LYS B 22 -8.98 -18.86 8.33
N ALA B 23 -8.74 -19.58 9.41
CA ALA B 23 -7.40 -19.81 9.89
C ALA B 23 -6.71 -20.79 8.94
N SER B 24 -5.41 -20.62 8.78
CA SER B 24 -4.62 -21.48 7.90
C SER B 24 -4.75 -22.94 8.31
N GLU B 25 -4.30 -23.24 9.53
CA GLU B 25 -4.38 -24.62 10.03
C GLU B 25 -5.77 -24.90 10.59
N TYR B 26 -6.14 -26.17 10.58
CA TYR B 26 -7.45 -26.58 11.08
C TYR B 26 -7.63 -26.37 12.58
N THR B 27 -6.80 -25.51 13.17
CA THR B 27 -6.90 -25.22 14.61
C THR B 27 -8.36 -25.05 15.02
N LEU B 28 -8.98 -26.14 15.42
CA LEU B 28 -10.39 -26.12 15.82
C LEU B 28 -10.62 -25.73 17.27
N THR B 29 -10.29 -24.48 17.59
CA THR B 29 -10.49 -23.95 18.93
C THR B 29 -11.56 -22.87 18.79
N SER B 30 -12.43 -22.74 19.78
CA SER B 30 -13.49 -21.74 19.72
C SER B 30 -12.96 -20.31 19.73
N TYR B 31 -12.93 -19.69 18.55
CA TYR B 31 -12.46 -18.32 18.40
C TYR B 31 -13.59 -17.41 17.94
N LEU B 32 -13.36 -16.10 18.04
CA LEU B 32 -14.32 -15.11 17.60
C LEU B 32 -13.70 -14.40 16.40
N PHE B 33 -14.50 -14.11 15.37
CA PHE B 33 -14.00 -13.42 14.20
C PHE B 33 -14.55 -12.00 14.16
N GLN B 34 -13.64 -11.03 14.21
CA GLN B 34 -14.01 -9.62 14.16
C GLN B 34 -13.77 -9.13 12.75
N TRP B 35 -14.68 -8.33 12.23
CA TRP B 35 -14.53 -7.79 10.88
C TRP B 35 -14.38 -6.29 10.96
N VAL B 36 -13.45 -5.77 10.16
CA VAL B 36 -13.13 -4.37 10.15
C VAL B 36 -13.07 -3.83 8.72
N LYS B 37 -13.56 -2.61 8.55
CA LYS B 37 -13.58 -1.96 7.24
C LYS B 37 -12.62 -0.78 7.17
N GLN B 38 -11.97 -0.63 6.02
CA GLN B 38 -11.07 0.50 5.83
C GLN B 38 -11.08 1.00 4.40
N LYS B 39 -11.56 2.21 4.22
CA LYS B 39 -11.62 2.83 2.90
C LYS B 39 -10.22 3.32 2.57
N SER B 40 -9.86 3.29 1.30
CA SER B 40 -8.53 3.72 0.86
C SER B 40 -8.09 5.03 1.52
N GLY B 41 -6.94 4.96 2.19
CA GLY B 41 -6.39 6.13 2.85
C GLY B 41 -7.15 6.67 4.05
N GLN B 42 -8.15 5.93 4.53
CA GLN B 42 -8.93 6.38 5.68
C GLN B 42 -8.71 5.48 6.91
N GLY B 43 -9.49 5.72 7.96
CA GLY B 43 -9.33 4.95 9.18
C GLY B 43 -10.01 3.59 9.22
N LEU B 44 -10.06 3.00 10.41
CA LEU B 44 -10.66 1.69 10.62
C LEU B 44 -12.03 1.78 11.25
N GLU B 45 -12.94 0.93 10.79
CA GLU B 45 -14.30 0.91 11.30
C GLU B 45 -14.73 -0.52 11.60
N TRP B 46 -15.14 -0.77 12.83
CA TRP B 46 -15.58 -2.10 13.21
C TRP B 46 -16.89 -2.41 12.50
N ILE B 47 -16.98 -3.61 11.93
CA ILE B 47 -18.18 -4.03 11.22
C ILE B 47 -19.05 -4.92 12.09
N GLY B 48 -18.43 -5.93 12.68
CA GLY B 48 -19.18 -6.84 13.53
C GLY B 48 -18.38 -8.09 13.79
N TYR B 49 -18.97 -9.01 14.54
CA TYR B 49 -18.31 -10.27 14.82
C TYR B 49 -19.25 -11.44 14.61
N ILE B 50 -18.65 -12.61 14.44
CA ILE B 50 -19.40 -13.84 14.29
C ILE B 50 -18.66 -14.81 15.18
N TYR B 51 -19.39 -15.48 16.07
CA TYR B 51 -18.81 -16.46 16.97
C TYR B 51 -19.35 -17.80 16.49
N PRO B 52 -18.62 -18.47 15.58
CA PRO B 52 -19.00 -19.77 15.02
C PRO B 52 -19.47 -20.79 16.06
N TYR B 53 -18.88 -20.72 17.24
CA TYR B 53 -19.23 -21.66 18.31
C TYR B 53 -20.74 -21.75 18.50
N ASN B 54 -21.37 -20.61 18.73
CA ASN B 54 -22.82 -20.57 18.95
C ASN B 54 -23.58 -19.76 17.91
N GLY B 55 -22.89 -19.35 16.84
CA GLY B 55 -23.52 -18.57 15.80
C GLY B 55 -23.79 -17.13 16.19
N GLY B 56 -23.30 -16.75 17.38
CA GLY B 56 -23.49 -15.39 17.84
C GLY B 56 -22.93 -14.33 16.90
N THR B 57 -23.68 -13.26 16.72
CA THR B 57 -23.24 -12.18 15.85
C THR B 57 -23.67 -10.85 16.45
N ARG B 58 -22.98 -9.79 16.03
CA ARG B 58 -23.30 -8.45 16.49
C ARG B 58 -22.75 -7.52 15.43
N TYR B 59 -23.56 -6.55 15.03
CA TYR B 59 -23.14 -5.64 13.99
C TYR B 59 -23.13 -4.19 14.41
N ASN B 60 -22.22 -3.45 13.82
CA ASN B 60 -22.11 -2.02 14.06
C ASN B 60 -23.38 -1.49 13.39
N GLU B 61 -24.17 -0.74 14.14
CA GLU B 61 -25.42 -0.21 13.59
C GLU B 61 -25.18 0.69 12.38
N LYS B 62 -23.98 1.24 12.26
CA LYS B 62 -23.67 2.12 11.14
C LYS B 62 -23.82 1.43 9.78
N PHE B 63 -23.80 0.11 9.76
CA PHE B 63 -23.92 -0.62 8.51
C PHE B 63 -25.36 -0.81 8.07
N ARG B 64 -26.28 -0.32 8.90
CA ARG B 64 -27.70 -0.38 8.58
C ARG B 64 -28.19 -1.77 8.16
N GLY B 65 -27.65 -2.80 8.80
CA GLY B 65 -28.05 -4.17 8.50
C GLY B 65 -27.62 -4.71 7.15
N LYS B 66 -26.77 -3.98 6.46
CA LYS B 66 -26.30 -4.41 5.14
C LYS B 66 -25.25 -5.51 5.25
N ALA B 67 -24.67 -5.65 6.44
CA ALA B 67 -23.66 -6.68 6.64
C ALA B 67 -24.26 -7.89 7.36
N THR B 68 -23.98 -9.08 6.83
CA THR B 68 -24.45 -10.32 7.42
C THR B 68 -23.23 -11.22 7.56
N LEU B 69 -23.03 -11.74 8.76
CA LEU B 69 -21.90 -12.61 9.06
C LEU B 69 -22.41 -14.01 9.32
N THR B 70 -21.75 -14.99 8.74
CA THR B 70 -22.12 -16.37 8.91
C THR B 70 -20.84 -17.17 9.04
N SER B 71 -20.97 -18.46 9.30
CA SER B 71 -19.77 -19.26 9.43
C SER B 71 -20.06 -20.72 9.19
N ASP B 72 -19.00 -21.45 8.84
CA ASP B 72 -19.09 -22.87 8.60
C ASP B 72 -18.20 -23.49 9.67
N LYS B 73 -18.80 -23.86 10.80
CA LYS B 73 -18.07 -24.46 11.91
C LYS B 73 -17.16 -25.59 11.42
N SER B 74 -17.63 -26.33 10.43
CA SER B 74 -16.89 -27.45 9.87
C SER B 74 -15.49 -27.03 9.39
N SER B 75 -15.42 -25.94 8.63
CA SER B 75 -14.16 -25.45 8.11
C SER B 75 -13.60 -24.30 8.94
N ASN B 76 -14.37 -23.88 9.94
CA ASN B 76 -13.95 -22.77 10.80
C ASN B 76 -13.79 -21.52 9.94
N THR B 77 -14.61 -21.42 8.91
CA THR B 77 -14.58 -20.28 7.99
C THR B 77 -15.68 -19.29 8.35
N ALA B 78 -15.34 -18.01 8.32
CA ALA B 78 -16.32 -16.95 8.61
C ALA B 78 -16.56 -16.20 7.32
N TYR B 79 -17.81 -15.81 7.09
CA TYR B 79 -18.15 -15.09 5.87
C TYR B 79 -18.80 -13.75 6.19
N LEU B 80 -18.45 -12.74 5.41
CA LEU B 80 -19.04 -11.43 5.56
C LEU B 80 -19.70 -11.15 4.23
N GLU B 81 -21.01 -10.95 4.26
CA GLU B 81 -21.74 -10.66 3.04
C GLU B 81 -22.23 -9.23 3.19
N LEU B 82 -22.04 -8.44 2.14
CA LEU B 82 -22.47 -7.05 2.13
C LEU B 82 -23.48 -6.93 1.01
N SER B 83 -24.64 -6.35 1.31
CA SER B 83 -25.68 -6.21 0.31
C SER B 83 -25.92 -4.78 -0.18
N SER B 84 -26.78 -4.66 -1.18
CA SER B 84 -27.15 -3.38 -1.78
C SER B 84 -25.92 -2.49 -1.79
N LEU B 85 -24.89 -2.97 -2.47
CA LEU B 85 -23.62 -2.27 -2.54
C LEU B 85 -23.64 -0.93 -3.28
N THR B 86 -22.80 -0.02 -2.78
CA THR B 86 -22.64 1.30 -3.39
C THR B 86 -21.13 1.54 -3.30
N SER B 87 -20.66 2.60 -3.95
CA SER B 87 -19.24 2.95 -3.94
C SER B 87 -18.69 3.08 -2.52
N GLU B 88 -19.55 3.44 -1.57
CA GLU B 88 -19.13 3.59 -0.19
C GLU B 88 -18.63 2.26 0.36
N ASP B 89 -19.02 1.16 -0.29
CA ASP B 89 -18.60 -0.17 0.15
C ASP B 89 -17.27 -0.59 -0.47
N SER B 90 -16.74 0.24 -1.37
CA SER B 90 -15.45 -0.07 -1.98
C SER B 90 -14.44 0.20 -0.88
N ALA B 91 -13.74 -0.85 -0.46
CA ALA B 91 -12.76 -0.72 0.60
C ALA B 91 -12.10 -2.05 0.87
N VAL B 92 -11.13 -2.04 1.77
CA VAL B 92 -10.46 -3.28 2.15
C VAL B 92 -11.20 -3.73 3.41
N TYR B 93 -11.55 -5.01 3.44
CA TYR B 93 -12.24 -5.57 4.59
C TYR B 93 -11.31 -6.55 5.27
N TYR B 94 -11.11 -6.36 6.57
CA TYR B 94 -10.23 -7.23 7.35
C TYR B 94 -10.98 -8.07 8.35
N CYS B 95 -10.43 -9.24 8.65
CA CYS B 95 -11.02 -10.07 9.68
C CYS B 95 -9.88 -10.28 10.65
N ALA B 96 -10.23 -10.43 11.92
CA ALA B 96 -9.25 -10.66 12.94
C ALA B 96 -9.81 -11.80 13.78
N ARG B 97 -8.94 -12.72 14.19
CA ARG B 97 -9.41 -13.82 15.02
C ARG B 97 -9.01 -13.44 16.44
N SER B 98 -9.89 -13.72 17.39
CA SER B 98 -9.56 -13.40 18.76
C SER B 98 -10.43 -14.09 19.77
N SER B 99 -10.09 -13.87 21.04
CA SER B 99 -10.79 -14.45 22.16
C SER B 99 -10.62 -13.49 23.32
N MET B 100 -11.40 -13.70 24.38
CA MET B 100 -11.33 -12.85 25.54
C MET B 100 -9.92 -12.79 26.13
N SER B 101 -9.23 -13.92 26.13
CA SER B 101 -7.89 -14.00 26.68
C SER B 101 -6.78 -13.63 25.70
N ASP B 102 -7.12 -13.55 24.41
CA ASP B 102 -6.13 -13.22 23.40
C ASP B 102 -6.82 -12.37 22.33
N PRO B 103 -7.19 -11.13 22.69
CA PRO B 103 -7.88 -10.17 21.82
C PRO B 103 -7.14 -9.76 20.53
N GLY B 104 -7.88 -9.74 19.43
CA GLY B 104 -7.29 -9.38 18.15
C GLY B 104 -5.91 -9.93 17.95
N ALA B 105 -5.76 -11.23 18.22
CA ALA B 105 -4.47 -11.91 18.12
C ALA B 105 -3.91 -11.98 16.70
N ASN B 106 -4.77 -12.28 15.73
CA ASN B 106 -4.34 -12.40 14.35
C ASN B 106 -5.20 -11.62 13.39
N TRP B 107 -4.55 -11.06 12.37
CA TRP B 107 -5.23 -10.29 11.35
C TRP B 107 -5.05 -10.88 9.97
N GLY B 108 -6.11 -10.84 9.17
CA GLY B 108 -6.03 -11.32 7.81
C GLY B 108 -5.43 -10.21 6.97
N PRO B 109 -5.06 -10.49 5.70
CA PRO B 109 -4.45 -9.54 4.77
C PRO B 109 -5.46 -8.54 4.25
N GLY B 110 -6.73 -8.88 4.39
CA GLY B 110 -7.79 -8.00 3.92
C GLY B 110 -8.20 -8.36 2.51
N THR B 111 -9.47 -8.10 2.22
CA THR B 111 -10.04 -8.37 0.91
C THR B 111 -10.43 -7.03 0.31
N LEU B 112 -9.91 -6.72 -0.87
CA LEU B 112 -10.21 -5.45 -1.52
C LEU B 112 -11.44 -5.57 -2.41
N VAL B 113 -12.49 -4.87 -2.02
CA VAL B 113 -13.74 -4.86 -2.77
C VAL B 113 -13.86 -3.55 -3.53
N THR B 114 -14.13 -3.65 -4.83
CA THR B 114 -14.34 -2.47 -5.66
C THR B 114 -15.75 -2.55 -6.20
N VAL B 115 -16.59 -1.60 -5.84
CA VAL B 115 -17.95 -1.59 -6.33
C VAL B 115 -17.97 -0.64 -7.52
N SER B 116 -18.17 -1.20 -8.71
CA SER B 116 -18.17 -0.40 -9.92
C SER B 116 -18.94 -1.09 -11.02
N SER B 117 -19.44 -0.30 -11.96
CA SER B 117 -20.17 -0.85 -13.10
C SER B 117 -19.19 -1.21 -14.21
N ALA B 118 -17.99 -0.63 -14.14
CA ALA B 118 -16.97 -0.89 -15.15
C ALA B 118 -16.54 -2.34 -15.12
N SER B 119 -16.19 -2.88 -16.28
CA SER B 119 -15.77 -4.27 -16.39
C SER B 119 -14.29 -4.42 -16.06
N THR B 120 -13.89 -5.63 -15.70
CA THR B 120 -12.50 -5.85 -15.36
C THR B 120 -11.66 -5.81 -16.63
N LYS B 121 -10.40 -5.43 -16.46
CA LYS B 121 -9.49 -5.39 -17.58
C LYS B 121 -8.11 -5.75 -17.07
N GLY B 122 -7.51 -6.75 -17.69
CA GLY B 122 -6.19 -7.18 -17.30
C GLY B 122 -5.17 -6.17 -17.77
N PRO B 123 -4.04 -6.05 -17.07
CA PRO B 123 -3.00 -5.11 -17.44
C PRO B 123 -2.07 -5.61 -18.53
N SER B 124 -1.40 -4.67 -19.17
CA SER B 124 -0.38 -4.98 -20.16
C SER B 124 0.87 -4.71 -19.32
N VAL B 125 1.90 -5.52 -19.48
CA VAL B 125 3.11 -5.32 -18.69
C VAL B 125 4.25 -5.01 -19.63
N PHE B 126 4.83 -3.84 -19.46
CA PHE B 126 5.93 -3.39 -20.31
C PHE B 126 7.20 -3.24 -19.51
N PRO B 127 8.34 -3.56 -20.13
CA PRO B 127 9.58 -3.42 -19.38
C PRO B 127 10.05 -1.98 -19.30
N LEU B 128 10.75 -1.67 -18.22
CA LEU B 128 11.38 -0.37 -18.03
C LEU B 128 12.82 -0.85 -18.03
N ALA B 129 13.36 -0.96 -19.24
CA ALA B 129 14.70 -1.48 -19.47
C ALA B 129 15.85 -0.64 -18.93
N PRO B 130 16.80 -1.29 -18.26
CA PRO B 130 17.94 -0.57 -17.71
C PRO B 130 18.85 -0.17 -18.87
N SER B 131 19.40 1.03 -18.79
CA SER B 131 20.28 1.55 -19.83
C SER B 131 21.17 2.59 -19.17
N SER B 132 22.02 3.23 -19.96
CA SER B 132 22.89 4.26 -19.42
C SER B 132 22.04 5.40 -18.87
N LYS B 133 20.79 5.49 -19.31
CA LYS B 133 19.88 6.53 -18.86
C LYS B 133 19.25 6.22 -17.51
N SER B 134 19.46 5.00 -17.02
CA SER B 134 18.92 4.60 -15.72
C SER B 134 20.02 3.99 -14.86
N THR B 135 21.27 4.33 -15.20
CA THR B 135 22.42 3.82 -14.47
C THR B 135 23.29 4.94 -13.91
N SER B 136 23.50 4.91 -12.61
CA SER B 136 24.34 5.90 -11.93
C SER B 136 25.37 5.12 -11.13
N GLY B 137 26.64 5.32 -11.44
CA GLY B 137 27.68 4.59 -10.74
C GLY B 137 27.57 3.13 -11.13
N GLY B 138 27.60 2.25 -10.14
CA GLY B 138 27.49 0.83 -10.43
C GLY B 138 26.08 0.32 -10.18
N THR B 139 25.13 1.25 -10.11
CA THR B 139 23.74 0.91 -9.86
C THR B 139 22.84 1.20 -11.06
N ALA B 140 22.02 0.23 -11.42
CA ALA B 140 21.10 0.40 -12.55
C ALA B 140 19.69 0.19 -12.04
N ALA B 141 18.75 0.99 -12.54
CA ALA B 141 17.37 0.86 -12.14
C ALA B 141 16.64 0.27 -13.33
N LEU B 142 15.68 -0.61 -13.05
CA LEU B 142 14.88 -1.24 -14.09
C LEU B 142 13.52 -1.49 -13.47
N GLY B 143 12.56 -1.92 -14.28
CA GLY B 143 11.27 -2.17 -13.72
C GLY B 143 10.25 -2.61 -14.72
N CYS B 144 9.00 -2.57 -14.30
CA CYS B 144 7.89 -2.94 -15.15
C CYS B 144 6.78 -1.95 -14.99
N LEU B 145 6.18 -1.61 -16.11
CA LEU B 145 5.05 -0.70 -16.15
C LEU B 145 3.83 -1.62 -16.31
N VAL B 146 2.97 -1.63 -15.30
CA VAL B 146 1.77 -2.45 -15.31
C VAL B 146 0.70 -1.44 -15.65
N LYS B 147 0.30 -1.45 -16.92
CA LYS B 147 -0.64 -0.45 -17.41
C LYS B 147 -2.03 -0.91 -17.85
N ASP B 148 -2.98 -0.02 -17.63
CA ASP B 148 -4.36 -0.20 -18.05
C ASP B 148 -5.10 -1.41 -17.51
N TYR B 149 -5.30 -1.42 -16.19
CA TYR B 149 -6.04 -2.51 -15.57
C TYR B 149 -7.13 -1.97 -14.68
N PHE B 150 -8.11 -2.82 -14.39
CA PHE B 150 -9.20 -2.44 -13.52
C PHE B 150 -9.91 -3.68 -13.02
N PRO B 151 -10.26 -3.73 -11.72
CA PRO B 151 -9.99 -2.66 -10.77
C PRO B 151 -8.68 -2.99 -10.09
N GLU B 152 -8.41 -2.33 -8.97
CA GLU B 152 -7.21 -2.65 -8.21
C GLU B 152 -7.58 -3.99 -7.57
N PRO B 153 -6.58 -4.76 -7.11
CA PRO B 153 -5.17 -4.41 -7.14
C PRO B 153 -4.39 -5.33 -8.06
N VAL B 154 -3.12 -5.01 -8.23
CA VAL B 154 -2.21 -5.86 -8.98
C VAL B 154 -1.11 -6.12 -7.97
N THR B 155 -0.48 -7.28 -8.07
CA THR B 155 0.61 -7.59 -7.18
C THR B 155 1.81 -7.74 -8.10
N VAL B 156 2.95 -7.28 -7.64
CA VAL B 156 4.16 -7.38 -8.42
C VAL B 156 5.26 -7.87 -7.50
N SER B 157 5.96 -8.90 -7.96
CA SER B 157 7.07 -9.45 -7.23
C SER B 157 8.18 -9.48 -8.27
N TRP B 158 9.41 -9.65 -7.81
CA TRP B 158 10.52 -9.72 -8.72
C TRP B 158 11.25 -11.03 -8.54
N ASN B 159 11.55 -11.68 -9.66
CA ASN B 159 12.25 -12.95 -9.62
C ASN B 159 11.57 -13.91 -8.65
N SER B 160 10.25 -14.02 -8.78
CA SER B 160 9.44 -14.90 -7.96
C SER B 160 9.67 -14.70 -6.46
N GLY B 161 9.87 -13.45 -6.06
CA GLY B 161 10.06 -13.15 -4.66
C GLY B 161 11.50 -13.17 -4.17
N ALA B 162 12.42 -13.59 -5.02
CA ALA B 162 13.83 -13.66 -4.66
C ALA B 162 14.49 -12.28 -4.59
N LEU B 163 13.87 -11.31 -5.24
CA LEU B 163 14.39 -9.95 -5.26
C LEU B 163 13.41 -9.02 -4.54
N THR B 164 13.78 -8.56 -3.36
CA THR B 164 12.90 -7.67 -2.61
C THR B 164 13.59 -6.36 -2.26
N SER B 165 14.91 -6.42 -2.10
CA SER B 165 15.69 -5.24 -1.76
C SER B 165 15.75 -4.23 -2.91
N GLY B 166 15.57 -2.96 -2.57
CA GLY B 166 15.63 -1.92 -3.58
C GLY B 166 14.41 -1.85 -4.46
N VAL B 167 13.38 -2.63 -4.13
CA VAL B 167 12.17 -2.63 -4.94
C VAL B 167 11.21 -1.55 -4.43
N HIS B 168 10.67 -0.78 -5.38
CA HIS B 168 9.69 0.23 -5.05
C HIS B 168 8.52 0.04 -5.99
N THR B 169 7.40 -0.45 -5.48
CA THR B 169 6.24 -0.62 -6.33
C THR B 169 5.35 0.54 -5.97
N PHE B 170 5.18 1.44 -6.93
CA PHE B 170 4.40 2.64 -6.69
C PHE B 170 2.91 2.42 -6.57
N PRO B 171 2.25 3.33 -5.83
CA PRO B 171 0.81 3.26 -5.64
C PRO B 171 0.22 3.41 -7.03
N ALA B 172 -0.88 2.72 -7.30
CA ALA B 172 -1.50 2.82 -8.60
C ALA B 172 -2.03 4.22 -8.80
N VAL B 173 -2.06 4.64 -10.05
CA VAL B 173 -2.58 5.94 -10.42
C VAL B 173 -3.77 5.70 -11.33
N LEU B 174 -4.88 6.38 -11.07
CA LEU B 174 -6.06 6.22 -11.90
C LEU B 174 -5.86 7.14 -13.10
N GLN B 175 -5.87 6.56 -14.29
CA GLN B 175 -5.68 7.32 -15.52
C GLN B 175 -7.01 7.93 -15.94
N SER B 176 -6.96 8.91 -16.82
CA SER B 176 -8.16 9.58 -17.30
C SER B 176 -9.08 8.56 -17.98
N SER B 177 -8.49 7.47 -18.45
CA SER B 177 -9.24 6.41 -19.12
C SER B 177 -10.09 5.62 -18.13
N GLY B 178 -9.81 5.80 -16.85
CA GLY B 178 -10.56 5.09 -15.82
C GLY B 178 -9.84 3.80 -15.46
N LEU B 179 -8.69 3.58 -16.08
CA LEU B 179 -7.90 2.39 -15.82
C LEU B 179 -6.69 2.77 -14.97
N TYR B 180 -6.24 1.82 -14.17
CA TYR B 180 -5.09 2.05 -13.31
C TYR B 180 -3.79 1.73 -14.01
N SER B 181 -2.71 2.27 -13.47
CA SER B 181 -1.40 2.01 -14.00
C SER B 181 -0.44 2.23 -12.87
N LEU B 182 0.62 1.46 -12.85
CA LEU B 182 1.62 1.63 -11.82
C LEU B 182 2.89 1.06 -12.35
N SER B 183 4.00 1.46 -11.75
CA SER B 183 5.28 0.94 -12.16
C SER B 183 5.93 0.36 -10.93
N SER B 184 6.71 -0.68 -11.14
CA SER B 184 7.43 -1.32 -10.05
C SER B 184 8.87 -1.21 -10.53
N VAL B 185 9.73 -0.61 -9.72
CA VAL B 185 11.11 -0.48 -10.13
C VAL B 185 12.00 -1.09 -9.07
N VAL B 186 13.23 -1.37 -9.46
CA VAL B 186 14.17 -1.94 -8.54
C VAL B 186 15.56 -1.56 -9.01
N THR B 187 16.43 -1.21 -8.07
CA THR B 187 17.78 -0.86 -8.43
C THR B 187 18.63 -2.09 -8.15
N VAL B 188 19.53 -2.41 -9.09
CA VAL B 188 20.39 -3.58 -8.97
C VAL B 188 21.79 -3.21 -9.43
N PRO B 189 22.76 -4.08 -9.16
CA PRO B 189 24.13 -3.76 -9.59
C PRO B 189 24.19 -3.75 -11.12
N SER B 190 24.77 -2.70 -11.69
CA SER B 190 24.88 -2.61 -13.14
C SER B 190 25.68 -3.81 -13.67
N SER B 191 26.56 -4.34 -12.83
CA SER B 191 27.39 -5.47 -13.23
C SER B 191 26.62 -6.78 -13.34
N SER B 192 25.40 -6.81 -12.83
CA SER B 192 24.57 -8.00 -12.88
C SER B 192 23.71 -8.08 -14.13
N LEU B 193 23.51 -6.94 -14.78
CA LEU B 193 22.68 -6.89 -15.98
C LEU B 193 23.00 -7.91 -17.05
N GLY B 194 24.27 -8.30 -17.18
CA GLY B 194 24.63 -9.27 -18.18
C GLY B 194 24.53 -10.72 -17.73
N THR B 195 24.49 -10.95 -16.42
CA THR B 195 24.43 -12.31 -15.90
C THR B 195 23.13 -12.67 -15.16
N GLN B 196 22.52 -11.70 -14.48
CA GLN B 196 21.30 -11.95 -13.73
C GLN B 196 20.04 -11.52 -14.49
N THR B 197 19.08 -12.43 -14.57
CA THR B 197 17.83 -12.12 -15.25
C THR B 197 16.90 -11.47 -14.25
N TYR B 198 16.11 -10.53 -14.74
CA TYR B 198 15.15 -9.82 -13.90
C TYR B 198 13.78 -9.97 -14.53
N ILE B 199 12.88 -10.56 -13.76
CA ILE B 199 11.53 -10.83 -14.21
C ILE B 199 10.53 -10.30 -13.19
N CYS B 200 9.59 -9.49 -13.65
CA CYS B 200 8.58 -9.00 -12.73
C CYS B 200 7.39 -9.94 -12.88
N ASN B 201 6.88 -10.42 -11.76
CA ASN B 201 5.74 -11.33 -11.76
C ASN B 201 4.53 -10.51 -11.41
N VAL B 202 3.67 -10.31 -12.41
CA VAL B 202 2.48 -9.50 -12.21
C VAL B 202 1.24 -10.35 -12.20
N ASN B 203 0.39 -10.12 -11.21
CA ASN B 203 -0.85 -10.85 -11.11
C ASN B 203 -1.99 -9.85 -10.90
N HIS B 204 -3.08 -10.06 -11.63
CA HIS B 204 -4.25 -9.22 -11.49
C HIS B 204 -5.40 -10.21 -11.40
N LYS B 205 -5.70 -10.61 -10.16
CA LYS B 205 -6.75 -11.58 -9.90
C LYS B 205 -8.12 -11.28 -10.49
N PRO B 206 -8.58 -10.03 -10.40
CA PRO B 206 -9.90 -9.72 -10.96
C PRO B 206 -10.06 -10.13 -12.43
N SER B 207 -8.97 -10.09 -13.19
CA SER B 207 -9.03 -10.45 -14.60
C SER B 207 -8.40 -11.82 -14.86
N ASN B 208 -7.97 -12.48 -13.79
CA ASN B 208 -7.30 -13.77 -13.88
C ASN B 208 -6.10 -13.66 -14.80
N THR B 209 -5.38 -12.56 -14.64
CA THR B 209 -4.19 -12.30 -15.44
C THR B 209 -2.94 -12.55 -14.62
N LYS B 210 -2.02 -13.32 -15.20
CA LYS B 210 -0.74 -13.61 -14.56
C LYS B 210 0.26 -13.44 -15.68
N VAL B 211 1.20 -12.52 -15.51
CA VAL B 211 2.21 -12.27 -16.53
C VAL B 211 3.58 -12.19 -15.88
N ASP B 212 4.56 -12.83 -16.52
CA ASP B 212 5.94 -12.79 -16.02
C ASP B 212 6.74 -12.16 -17.15
N LYS B 213 7.13 -10.91 -16.96
CA LYS B 213 7.86 -10.20 -17.99
C LYS B 213 9.35 -10.06 -17.69
N LYS B 214 10.17 -10.62 -18.56
CA LYS B 214 11.62 -10.52 -18.38
C LYS B 214 12.00 -9.14 -18.88
N VAL B 215 12.81 -8.43 -18.08
CA VAL B 215 13.25 -7.09 -18.44
C VAL B 215 14.71 -7.14 -18.86
N GLU B 216 14.96 -6.86 -20.13
CA GLU B 216 16.32 -6.89 -20.66
C GLU B 216 16.91 -5.49 -20.86
N PRO B 217 18.25 -5.36 -20.74
CA PRO B 217 18.86 -4.05 -20.93
C PRO B 217 18.60 -3.53 -22.33
O1 SH4 C . -12.50 -9.15 19.75
P1 SH4 C . -12.17 -8.51 21.10
O2 SH4 C . -13.31 -7.56 21.44
O3 SH4 C . -10.81 -7.64 20.91
C1 SH4 C . -10.63 -6.43 20.12
C2 SH4 C . -10.81 -6.43 18.60
C3 SH4 C . -9.88 -7.07 17.73
C4 SH4 C . -10.05 -7.02 16.34
C5 SH4 C . -11.16 -6.33 15.78
C6 SH4 C . -12.10 -5.69 16.63
C7 SH4 C . -11.92 -5.74 18.03
C8 SH4 C . -9.28 -5.83 20.54
C9 SH4 C . -11.63 -9.66 22.31
C10 SH4 C . -12.74 -10.59 22.81
C11 SH4 C . -13.42 -10.24 24.02
C12 SH4 C . -14.44 -11.06 24.54
C13 SH4 C . -14.81 -12.26 23.88
N1 SH4 C . -15.88 -13.06 24.49
C14 SH4 C . -16.50 -14.23 24.19
O4 SH4 C . -16.25 -14.93 23.20
C15 SH4 C . -17.59 -14.66 25.18
C16 SH4 C . -14.13 -12.61 22.66
C17 SH4 C . -13.10 -11.78 22.13
#